data_5NRI
#
_entry.id   5NRI
#
_cell.length_a   69.642
_cell.length_b   61.133
_cell.length_c   69.972
_cell.angle_alpha   90.00
_cell.angle_beta   90.31
_cell.angle_gamma   90.00
#
_symmetry.space_group_name_H-M   'P 1 21 1'
#
loop_
_entity.id
_entity.type
_entity.pdbx_description
1 polymer 'D-alanine--D-alanine ligase'
2 non-polymer 'ADENOSINE MONOPHOSPHATE'
3 non-polymer D-ALANINE
4 non-polymer 'MAGNESIUM ION'
5 non-polymer 'SULFATE ION'
6 non-polymer 1,2-ETHANEDIOL
7 non-polymer 'TRIETHYLENE GLYCOL'
8 water water
#
_entity_poly.entity_id   1
_entity_poly.type   'polypeptide(L)'
_entity_poly.pdbx_seq_one_letter_code
;MSGIDPKRFGKVAVLLGGDSAEREVSLNSGRLVLQGLRDAGIDAHPFDPAQRPLAALKDEGFVRAFNALHGGYGENGQIQ
GALDFYGIRYTGSGVLGSALGLDKFRTKLVWQQTGIPTPPFETVMRGDDYAARAQDIVAKLGVPLFVKPASEGSSVAVEK
VKSADALPAALEEAAKHDKIVIVEKSIEGGGEYTACIAADLDLPLIRIVPAGEFYDYHAKYIANDTQYLIPCGLDAAKEA
EFKRIARRAFDVLGCTDWGRADFMLDAAGNPYFLEVNTAPGMTDHSLPPKAARAVGIGYSELVVKVLSLTLD
;
_entity_poly.pdbx_strand_id   A,B
#
# COMPACT_ATOMS: atom_id res chain seq x y z
N SER A 2 -22.97 19.99 15.09
CA SER A 2 -22.99 19.40 13.69
C SER A 2 -24.28 18.58 13.40
N GLY A 3 -25.33 19.16 12.80
CA GLY A 3 -25.46 20.61 12.55
C GLY A 3 -24.57 21.15 11.46
N ILE A 4 -24.22 20.34 10.45
CA ILE A 4 -23.47 20.81 9.25
C ILE A 4 -24.39 21.42 8.22
N ASP A 5 -24.21 22.71 7.93
CA ASP A 5 -24.95 23.30 6.82
C ASP A 5 -24.62 22.44 5.58
N PRO A 6 -25.64 21.90 4.91
CA PRO A 6 -25.29 21.02 3.79
C PRO A 6 -24.60 21.75 2.64
N LYS A 7 -24.68 23.08 2.62
CA LYS A 7 -23.93 23.89 1.68
C LYS A 7 -22.47 23.70 1.72
N ARG A 8 -21.97 23.44 2.90
CA ARG A 8 -20.57 23.14 3.16
C ARG A 8 -19.95 21.98 2.40
N PHE A 9 -20.80 21.03 2.01
CA PHE A 9 -20.40 19.92 1.17
C PHE A 9 -20.24 20.23 -0.30
N GLY A 10 -20.77 21.39 -0.73
CA GLY A 10 -20.61 21.70 -2.16
C GLY A 10 -21.23 20.67 -3.09
N LYS A 11 -20.68 20.54 -4.27
CA LYS A 11 -21.12 19.64 -5.31
C LYS A 11 -20.53 18.26 -5.17
N VAL A 12 -21.37 17.26 -4.91
CA VAL A 12 -20.96 15.95 -4.47
C VAL A 12 -21.32 14.89 -5.53
N ALA A 13 -20.42 13.98 -5.84
CA ALA A 13 -20.64 12.83 -6.67
C ALA A 13 -20.82 11.61 -5.79
N VAL A 14 -21.76 10.76 -6.17
CA VAL A 14 -21.82 9.41 -5.65
C VAL A 14 -21.36 8.44 -6.70
N LEU A 15 -20.16 7.85 -6.44
CA LEU A 15 -19.57 6.97 -7.42
C LEU A 15 -20.25 5.58 -7.26
N LEU A 16 -20.87 5.12 -8.34
CA LEU A 16 -21.62 3.88 -8.30
C LEU A 16 -21.56 3.17 -9.64
N GLY A 17 -21.87 1.86 -9.68
CA GLY A 17 -21.80 1.11 -10.93
C GLY A 17 -20.42 0.49 -11.06
N GLY A 18 -19.67 1.06 -11.99
CA GLY A 18 -18.38 0.51 -12.37
C GLY A 18 -18.50 -0.69 -13.24
N ASP A 19 -17.37 -1.38 -13.41
CA ASP A 19 -17.26 -2.50 -14.35
C ASP A 19 -17.02 -3.82 -13.59
N SER A 20 -16.89 -3.78 -12.24
CA SER A 20 -16.51 -5.01 -11.49
C SER A 20 -17.65 -6.03 -11.39
N ALA A 21 -17.30 -7.20 -10.91
CA ALA A 21 -18.30 -8.27 -10.62
C ALA A 21 -19.33 -7.86 -9.59
N GLU A 22 -19.06 -6.83 -8.81
CA GLU A 22 -19.99 -6.30 -7.87
C GLU A 22 -20.70 -5.03 -8.29
N ARG A 23 -20.82 -4.81 -9.60
CA ARG A 23 -21.55 -3.67 -10.18
C ARG A 23 -22.94 -3.63 -9.51
N GLU A 24 -23.56 -4.77 -9.38
CA GLU A 24 -24.95 -4.89 -8.87
C GLU A 24 -25.16 -4.33 -7.48
N VAL A 25 -24.38 -4.80 -6.48
CA VAL A 25 -24.47 -4.32 -5.11
C VAL A 25 -24.15 -2.80 -5.15
N SER A 26 -23.14 -2.37 -5.95
CA SER A 26 -22.79 -0.99 -6.04
C SER A 26 -23.92 -0.09 -6.56
N LEU A 27 -24.61 -0.49 -7.64
CA LEU A 27 -25.78 0.29 -8.11
C LEU A 27 -26.77 0.43 -6.96
N ASN A 28 -27.03 -0.70 -6.26
CA ASN A 28 -28.01 -0.67 -5.17
C ASN A 28 -27.61 0.27 -4.02
N SER A 29 -26.38 0.10 -3.57
CA SER A 29 -25.85 0.90 -2.48
C SER A 29 -25.84 2.40 -2.90
N GLY A 30 -25.32 2.67 -4.10
CA GLY A 30 -25.13 4.03 -4.57
C GLY A 30 -26.43 4.83 -4.76
N ARG A 31 -27.47 4.12 -5.21
CA ARG A 31 -28.75 4.83 -5.38
C ARG A 31 -29.30 5.17 -3.98
N LEU A 32 -29.09 4.30 -3.00
CA LEU A 32 -29.53 4.61 -1.64
C LEU A 32 -28.73 5.71 -0.97
N VAL A 33 -27.41 5.70 -1.18
CA VAL A 33 -26.57 6.72 -0.68
C VAL A 33 -26.97 8.07 -1.29
N LEU A 34 -27.22 8.11 -2.61
CA LEU A 34 -27.60 9.38 -3.26
C LEU A 34 -28.89 9.91 -2.57
N GLN A 35 -29.84 9.00 -2.35
CA GLN A 35 -31.03 9.47 -1.72
C GLN A 35 -30.81 9.98 -0.27
N GLY A 36 -30.00 9.22 0.52
CA GLY A 36 -29.63 9.65 1.78
C GLY A 36 -28.97 11.04 1.89
N LEU A 37 -28.07 11.35 0.90
CA LEU A 37 -27.50 12.66 0.84
C LEU A 37 -28.50 13.71 0.37
N ARG A 38 -29.35 13.39 -0.59
CA ARG A 38 -30.29 14.42 -1.03
C ARG A 38 -31.36 14.65 0.08
N ASP A 39 -31.66 13.61 0.90
CA ASP A 39 -32.60 13.77 2.01
C ASP A 39 -32.08 14.76 3.01
N ALA A 40 -30.74 14.95 3.06
CA ALA A 40 -30.13 15.91 3.89
C ALA A 40 -29.93 17.30 3.26
N GLY A 41 -30.41 17.48 2.03
CA GLY A 41 -30.28 18.72 1.28
C GLY A 41 -28.95 18.98 0.62
N ILE A 42 -28.18 17.92 0.43
CA ILE A 42 -26.82 18.00 -0.14
C ILE A 42 -26.96 17.91 -1.65
N ASP A 43 -26.13 18.70 -2.35
CA ASP A 43 -26.10 18.77 -3.81
C ASP A 43 -25.35 17.57 -4.33
N ALA A 44 -26.01 16.39 -4.27
CA ALA A 44 -25.41 15.16 -4.72
C ALA A 44 -25.93 14.68 -6.03
N HIS A 45 -25.13 14.00 -6.87
CA HIS A 45 -25.43 13.50 -8.19
C HIS A 45 -24.78 12.13 -8.37
N PRO A 46 -25.40 11.21 -9.07
CA PRO A 46 -24.77 9.98 -9.44
C PRO A 46 -23.63 10.22 -10.46
N PHE A 47 -22.64 9.37 -10.37
CA PHE A 47 -21.53 9.41 -11.36
C PHE A 47 -20.99 7.99 -11.49
N ASP A 48 -21.24 7.35 -12.58
CA ASP A 48 -20.80 6.03 -12.83
C ASP A 48 -19.54 6.08 -13.70
N PRO A 49 -18.41 5.70 -13.12
CA PRO A 49 -17.11 5.85 -13.88
C PRO A 49 -16.94 4.84 -15.03
N ALA A 50 -17.82 3.86 -15.15
CA ALA A 50 -17.79 3.01 -16.29
C ALA A 50 -18.40 3.72 -17.48
N GLN A 51 -19.24 4.76 -17.22
CA GLN A 51 -20.06 5.33 -18.29
C GLN A 51 -19.88 6.83 -18.51
N ARG A 52 -19.04 7.41 -17.69
CA ARG A 52 -18.82 8.81 -17.73
C ARG A 52 -17.30 8.97 -17.68
N PRO A 53 -16.76 9.99 -18.36
CA PRO A 53 -15.35 10.15 -18.28
C PRO A 53 -14.88 10.72 -16.90
N LEU A 54 -13.90 10.07 -16.27
CA LEU A 54 -13.57 10.42 -14.91
C LEU A 54 -13.09 11.91 -14.70
N ALA A 55 -12.46 12.43 -15.77
CA ALA A 55 -12.01 13.83 -15.72
C ALA A 55 -13.15 14.82 -15.55
N ALA A 56 -14.39 14.38 -15.92
CA ALA A 56 -15.54 15.25 -15.70
C ALA A 56 -15.80 15.61 -14.27
N LEU A 57 -15.31 14.77 -13.30
CA LEU A 57 -15.44 15.20 -11.96
C LEU A 57 -14.82 16.51 -11.68
N LYS A 58 -13.57 16.68 -12.12
CA LYS A 58 -12.90 18.00 -12.00
C LYS A 58 -13.50 19.05 -12.95
N ASP A 59 -13.72 18.65 -14.18
CA ASP A 59 -14.14 19.62 -15.22
C ASP A 59 -15.52 20.16 -14.87
N GLU A 60 -16.43 19.32 -14.31
CA GLU A 60 -17.81 19.80 -13.91
C GLU A 60 -17.85 20.38 -12.53
N GLY A 61 -16.71 20.43 -11.83
CA GLY A 61 -16.64 21.13 -10.55
C GLY A 61 -17.19 20.36 -9.37
N PHE A 62 -17.16 19.04 -9.43
CA PHE A 62 -17.42 18.30 -8.20
C PHE A 62 -16.23 18.48 -7.26
N VAL A 63 -16.50 18.67 -5.95
CA VAL A 63 -15.44 18.89 -4.96
C VAL A 63 -15.13 17.60 -4.21
N ARG A 64 -16.12 16.70 -4.07
CA ARG A 64 -15.93 15.44 -3.32
C ARG A 64 -16.82 14.37 -3.87
N ALA A 65 -16.52 13.16 -3.42
CA ALA A 65 -17.23 12.02 -3.85
C ALA A 65 -17.49 11.05 -2.68
N PHE A 66 -18.72 10.48 -2.64
CA PHE A 66 -18.99 9.35 -1.78
C PHE A 66 -18.80 8.18 -2.70
N ASN A 67 -17.85 7.32 -2.22
CA ASN A 67 -17.52 6.12 -2.94
C ASN A 67 -18.45 4.95 -2.54
N ALA A 68 -19.31 4.60 -3.47
CA ALA A 68 -20.19 3.45 -3.33
C ALA A 68 -19.83 2.30 -4.28
N LEU A 69 -18.57 2.34 -4.81
CA LEU A 69 -18.06 1.30 -5.64
C LEU A 69 -17.66 0.09 -4.74
N HIS A 70 -17.65 -1.06 -5.36
CA HIS A 70 -17.16 -2.29 -4.68
C HIS A 70 -16.47 -3.16 -5.68
N GLY A 71 -15.29 -3.68 -5.29
CA GLY A 71 -14.50 -4.54 -6.23
C GLY A 71 -13.70 -3.73 -7.28
N GLY A 72 -12.68 -4.41 -7.85
CA GLY A 72 -11.66 -3.89 -8.77
C GLY A 72 -11.18 -2.53 -8.45
N TYR A 73 -11.23 -1.63 -9.45
CA TYR A 73 -10.65 -0.27 -9.29
C TYR A 73 -11.31 0.61 -8.19
N GLY A 74 -12.55 0.25 -7.85
CA GLY A 74 -13.26 0.98 -6.87
C GLY A 74 -12.81 0.85 -5.45
N GLU A 75 -12.13 -0.31 -5.16
CA GLU A 75 -11.76 -0.60 -3.84
C GLU A 75 -10.24 -0.78 -3.59
N ASN A 76 -9.49 -0.91 -4.66
CA ASN A 76 -8.07 -1.35 -4.50
C ASN A 76 -7.05 -0.28 -4.54
N GLY A 77 -7.43 0.98 -4.57
CA GLY A 77 -6.51 2.06 -4.64
C GLY A 77 -6.46 2.76 -5.98
N GLN A 78 -6.89 2.10 -7.06
CA GLN A 78 -6.85 2.62 -8.43
C GLN A 78 -7.64 3.89 -8.50
N ILE A 79 -8.95 3.81 -8.21
CA ILE A 79 -9.76 5.02 -8.40
C ILE A 79 -9.39 6.02 -7.30
N GLN A 80 -8.95 5.62 -6.12
CA GLN A 80 -8.50 6.56 -5.04
C GLN A 80 -7.29 7.41 -5.49
N GLY A 81 -6.32 6.74 -6.12
CA GLY A 81 -5.26 7.48 -6.75
C GLY A 81 -5.72 8.42 -7.80
N ALA A 82 -6.57 8.00 -8.73
CA ALA A 82 -7.04 8.87 -9.78
C ALA A 82 -7.76 10.05 -9.15
N LEU A 83 -8.58 9.80 -8.14
CA LEU A 83 -9.27 10.92 -7.50
C LEU A 83 -8.33 11.92 -6.85
N ASP A 84 -7.27 11.45 -6.15
CA ASP A 84 -6.26 12.32 -5.56
C ASP A 84 -5.58 13.10 -6.66
N PHE A 85 -5.31 12.42 -7.76
CA PHE A 85 -4.65 13.08 -8.86
C PHE A 85 -5.47 14.27 -9.42
N TYR A 86 -6.80 14.06 -9.49
CA TYR A 86 -7.71 15.08 -10.01
C TYR A 86 -8.16 16.08 -8.96
N GLY A 87 -7.68 15.96 -7.73
CA GLY A 87 -8.11 16.86 -6.64
C GLY A 87 -9.48 16.74 -6.03
N ILE A 88 -10.00 15.55 -6.15
CA ILE A 88 -11.39 15.28 -5.67
C ILE A 88 -11.26 14.53 -4.34
N ARG A 89 -11.84 15.11 -3.29
CA ARG A 89 -11.89 14.43 -1.99
C ARG A 89 -12.87 13.23 -2.08
N TYR A 90 -12.64 12.20 -1.24
CA TYR A 90 -13.47 11.03 -1.28
C TYR A 90 -13.52 10.37 0.07
N THR A 91 -14.66 9.66 0.24
CA THR A 91 -14.86 8.85 1.43
C THR A 91 -13.92 7.67 1.42
N GLY A 92 -13.81 7.16 2.65
CA GLY A 92 -12.99 5.96 2.90
C GLY A 92 -11.51 6.19 2.80
N SER A 93 -10.82 5.07 2.59
CA SER A 93 -9.36 5.07 2.73
C SER A 93 -8.67 5.54 1.48
N GLY A 94 -7.46 6.04 1.76
CA GLY A 94 -6.55 6.40 0.66
C GLY A 94 -5.92 5.26 -0.14
N VAL A 95 -4.88 5.53 -0.93
CA VAL A 95 -4.31 4.53 -1.82
C VAL A 95 -3.69 3.40 -1.04
N LEU A 96 -2.85 3.76 -0.06
CA LEU A 96 -2.15 2.69 0.71
C LEU A 96 -3.15 1.83 1.52
N GLY A 97 -4.10 2.48 2.21
CA GLY A 97 -5.04 1.68 3.04
C GLY A 97 -5.88 0.85 2.16
N SER A 98 -6.35 1.35 1.04
CA SER A 98 -7.16 0.59 0.16
C SER A 98 -6.42 -0.60 -0.45
N ALA A 99 -5.17 -0.37 -0.93
CA ALA A 99 -4.51 -1.46 -1.53
C ALA A 99 -4.06 -2.51 -0.47
N LEU A 100 -3.55 -2.02 0.68
CA LEU A 100 -3.07 -2.95 1.75
C LEU A 100 -4.27 -3.72 2.31
N GLY A 101 -5.43 -3.09 2.42
CA GLY A 101 -6.64 -3.84 2.96
C GLY A 101 -7.09 -5.00 2.09
N LEU A 102 -6.80 -5.02 0.79
CA LEU A 102 -7.09 -6.15 -0.15
C LEU A 102 -6.02 -7.20 -0.20
N ASP A 103 -4.91 -6.86 0.45
CA ASP A 103 -3.77 -7.81 0.45
C ASP A 103 -3.66 -8.47 1.81
N LYS A 104 -4.28 -9.69 1.88
CA LYS A 104 -4.25 -10.35 3.19
C LYS A 104 -2.87 -10.69 3.74
N PHE A 105 -1.95 -10.97 2.84
CA PHE A 105 -0.55 -11.32 3.27
C PHE A 105 0.09 -10.14 3.95
N ARG A 106 0.13 -8.99 3.26
N ARG A 106 0.11 -8.99 3.28
CA ARG A 106 0.80 -7.86 3.87
C ARG A 106 0.02 -7.23 5.05
C ARG A 106 0.02 -7.23 5.05
N THR A 107 -1.34 -7.36 5.02
CA THR A 107 -2.12 -6.97 6.17
C THR A 107 -1.73 -7.77 7.41
N LYS A 108 -1.65 -9.08 7.19
CA LYS A 108 -1.27 -9.95 8.36
C LYS A 108 0.16 -9.82 8.89
N LEU A 109 1.04 -9.41 7.95
CA LEU A 109 2.37 -9.15 8.45
C LEU A 109 2.42 -7.91 9.36
N VAL A 110 1.77 -6.84 8.82
CA VAL A 110 1.67 -5.65 9.62
C VAL A 110 1.06 -5.82 11.00
N TRP A 111 -0.09 -6.58 10.93
CA TRP A 111 -0.73 -6.89 12.23
C TRP A 111 0.19 -7.68 13.22
N GLN A 112 0.87 -8.69 12.69
CA GLN A 112 1.77 -9.44 13.57
C GLN A 112 2.89 -8.58 14.20
N GLN A 113 3.37 -7.62 13.43
CA GLN A 113 4.43 -6.81 13.96
C GLN A 113 3.93 -5.74 14.95
N THR A 114 2.62 -5.35 14.85
CA THR A 114 2.03 -4.32 15.70
C THR A 114 1.10 -4.78 16.79
N GLY A 115 1.13 -6.11 17.04
CA GLY A 115 0.40 -6.79 18.10
C GLY A 115 -1.11 -6.86 17.88
N ILE A 116 -1.57 -6.80 16.66
CA ILE A 116 -2.97 -7.05 16.30
C ILE A 116 -3.03 -8.58 16.11
N PRO A 117 -3.91 -9.25 16.91
CA PRO A 117 -3.92 -10.68 16.80
C PRO A 117 -4.53 -11.16 15.51
N THR A 118 -4.07 -12.23 14.92
CA THR A 118 -4.51 -12.73 13.62
C THR A 118 -4.15 -14.24 13.56
N PRO A 119 -4.86 -15.02 12.77
CA PRO A 119 -4.58 -16.49 12.91
C PRO A 119 -3.12 -16.79 12.49
N PRO A 120 -2.43 -17.59 13.27
CA PRO A 120 -1.08 -18.10 12.82
C PRO A 120 -1.15 -18.65 11.45
N PHE A 121 -0.10 -18.43 10.62
CA PHE A 121 -0.20 -18.76 9.23
C PHE A 121 1.17 -19.06 8.59
N GLU A 122 1.11 -19.68 7.49
CA GLU A 122 2.25 -19.87 6.63
C GLU A 122 1.91 -19.47 5.23
N THR A 123 2.86 -19.32 4.35
CA THR A 123 2.66 -19.03 2.91
C THR A 123 3.24 -20.09 2.06
N VAL A 124 2.67 -20.22 0.87
CA VAL A 124 3.06 -21.16 -0.15
C VAL A 124 3.11 -20.40 -1.45
N MET A 125 4.21 -20.53 -2.21
CA MET A 125 4.36 -19.88 -3.49
C MET A 125 4.15 -20.85 -4.59
N ARG A 126 3.65 -20.31 -5.70
CA ARG A 126 3.57 -21.10 -6.95
C ARG A 126 4.97 -21.66 -7.28
N GLY A 127 5.01 -22.92 -7.69
CA GLY A 127 6.27 -23.62 -7.96
C GLY A 127 6.92 -24.29 -6.78
N ASP A 128 6.38 -24.07 -5.56
CA ASP A 128 6.80 -24.83 -4.34
C ASP A 128 6.51 -26.29 -4.44
N ASP A 129 7.20 -27.07 -3.61
CA ASP A 129 6.93 -28.48 -3.49
C ASP A 129 5.72 -28.57 -2.57
N TYR A 130 4.56 -28.70 -3.18
CA TYR A 130 3.30 -28.55 -2.36
C TYR A 130 3.19 -29.67 -1.28
N ALA A 131 3.58 -30.87 -1.62
CA ALA A 131 3.49 -31.98 -0.65
C ALA A 131 4.42 -31.72 0.53
N ALA A 132 5.63 -31.26 0.25
CA ALA A 132 6.54 -30.95 1.30
C ALA A 132 6.14 -29.75 2.12
N ARG A 133 5.63 -28.71 1.48
CA ARG A 133 5.15 -27.57 2.29
C ARG A 133 3.99 -28.03 3.19
N ALA A 134 3.11 -28.84 2.62
CA ALA A 134 1.92 -29.33 3.36
C ALA A 134 2.34 -30.04 4.61
N GLN A 135 3.38 -30.90 4.50
CA GLN A 135 3.88 -31.55 5.73
C GLN A 135 4.32 -30.55 6.79
N ASP A 136 5.19 -29.57 6.40
CA ASP A 136 5.72 -28.61 7.34
C ASP A 136 4.58 -27.78 7.97
N ILE A 137 3.58 -27.46 7.13
CA ILE A 137 2.51 -26.58 7.61
C ILE A 137 1.59 -27.32 8.62
N VAL A 138 1.22 -28.52 8.25
CA VAL A 138 0.41 -29.34 9.21
C VAL A 138 1.20 -29.49 10.52
N ALA A 139 2.50 -29.75 10.41
CA ALA A 139 3.28 -30.01 11.60
C ALA A 139 3.27 -28.82 12.54
N LYS A 140 3.28 -27.61 11.95
CA LYS A 140 3.31 -26.37 12.71
C LYS A 140 1.90 -25.98 13.26
N LEU A 141 0.90 -26.07 12.37
CA LEU A 141 -0.43 -25.46 12.60
C LEU A 141 -1.54 -26.46 12.83
N GLY A 142 -1.31 -27.72 12.57
CA GLY A 142 -2.36 -28.73 12.71
C GLY A 142 -3.46 -28.59 11.67
N VAL A 143 -4.54 -29.33 11.85
CA VAL A 143 -5.71 -29.22 11.04
C VAL A 143 -6.91 -28.96 11.95
N PRO A 144 -7.94 -28.27 11.47
CA PRO A 144 -8.15 -27.73 10.12
C PRO A 144 -7.38 -26.46 9.82
N LEU A 145 -7.39 -26.20 8.50
CA LEU A 145 -6.71 -25.01 8.00
C LEU A 145 -7.63 -24.31 7.01
N PHE A 146 -7.41 -22.99 6.88
CA PHE A 146 -8.04 -22.24 5.81
C PHE A 146 -6.99 -21.87 4.72
N VAL A 147 -7.22 -22.21 3.50
CA VAL A 147 -6.27 -21.93 2.37
C VAL A 147 -6.95 -20.80 1.60
N LYS A 148 -6.27 -19.66 1.45
CA LYS A 148 -6.87 -18.48 0.85
C LYS A 148 -5.86 -17.70 -0.04
N PRO A 149 -6.35 -16.95 -1.03
CA PRO A 149 -5.42 -16.12 -1.79
C PRO A 149 -4.89 -15.05 -0.93
N ALA A 150 -3.62 -14.73 -1.10
N ALA A 150 -3.66 -14.59 -1.22
CA ALA A 150 -2.92 -13.64 -0.36
C ALA A 150 -3.54 -12.32 -0.76
C ALA A 150 -3.20 -12.25 -0.77
N SER A 151 -3.61 -12.15 -2.05
CA SER A 151 -3.62 -10.88 -2.73
C SER A 151 -4.97 -10.80 -3.50
N GLU A 152 -5.25 -9.68 -4.05
CA GLU A 152 -6.48 -9.72 -4.82
CA GLU A 152 -6.43 -9.45 -4.92
C GLU A 152 -6.07 -10.00 -6.30
N GLY A 153 -7.02 -10.44 -7.15
CA GLY A 153 -8.41 -10.84 -6.87
C GLY A 153 -8.66 -12.21 -7.48
N SER A 154 -8.03 -13.22 -6.87
CA SER A 154 -8.05 -14.61 -7.38
C SER A 154 -9.46 -15.19 -7.60
N SER A 155 -9.50 -16.23 -8.41
CA SER A 155 -10.74 -16.97 -8.75
C SER A 155 -10.96 -18.25 -7.93
N VAL A 156 -10.10 -18.50 -6.92
CA VAL A 156 -10.19 -19.73 -6.12
C VAL A 156 -10.71 -19.27 -4.75
N ALA A 157 -11.96 -19.71 -4.46
CA ALA A 157 -12.58 -19.48 -3.17
C ALA A 157 -11.79 -20.03 -2.01
N VAL A 158 -11.95 -19.43 -0.85
CA VAL A 158 -11.43 -19.94 0.43
C VAL A 158 -11.85 -21.39 0.63
N GLU A 159 -10.92 -22.23 1.03
CA GLU A 159 -11.15 -23.65 1.29
C GLU A 159 -10.70 -24.00 2.71
N LYS A 160 -11.62 -24.67 3.40
CA LYS A 160 -11.34 -25.26 4.70
C LYS A 160 -10.88 -26.72 4.54
N VAL A 161 -9.60 -26.94 4.86
CA VAL A 161 -9.01 -28.26 4.70
C VAL A 161 -8.96 -28.95 6.06
N LYS A 162 -9.64 -30.09 6.11
CA LYS A 162 -9.83 -30.85 7.34
C LYS A 162 -8.85 -32.00 7.65
N SER A 163 -8.15 -32.43 6.63
CA SER A 163 -7.23 -33.50 6.73
C SER A 163 -5.89 -33.13 6.08
N ALA A 164 -4.84 -33.58 6.74
CA ALA A 164 -3.49 -33.43 6.19
C ALA A 164 -3.32 -33.94 4.80
N ASP A 165 -3.91 -35.09 4.45
CA ASP A 165 -3.77 -35.67 3.13
C ASP A 165 -4.38 -34.82 1.98
N ALA A 166 -5.30 -33.93 2.34
CA ALA A 166 -6.02 -33.10 1.36
C ALA A 166 -5.32 -31.80 1.14
N LEU A 167 -4.37 -31.45 2.02
CA LEU A 167 -3.69 -30.16 1.86
C LEU A 167 -2.93 -29.93 0.54
N PRO A 168 -2.19 -30.91 0.10
CA PRO A 168 -1.36 -30.61 -1.12
C PRO A 168 -2.19 -30.27 -2.33
N ALA A 169 -3.31 -30.94 -2.56
CA ALA A 169 -4.15 -30.58 -3.68
C ALA A 169 -4.70 -29.16 -3.54
N ALA A 170 -5.09 -28.76 -2.32
CA ALA A 170 -5.68 -27.43 -2.05
C ALA A 170 -4.63 -26.38 -2.27
N LEU A 171 -3.36 -26.68 -1.88
CA LEU A 171 -2.27 -25.73 -2.14
C LEU A 171 -2.00 -25.57 -3.62
N GLU A 172 -1.93 -26.66 -4.34
CA GLU A 172 -1.60 -26.61 -5.75
C GLU A 172 -2.69 -25.83 -6.50
N GLU A 173 -3.95 -26.12 -6.23
CA GLU A 173 -5.02 -25.35 -6.87
C GLU A 173 -5.01 -23.86 -6.56
N ALA A 174 -4.90 -23.53 -5.30
CA ALA A 174 -4.79 -22.12 -4.87
C ALA A 174 -3.60 -21.37 -5.60
N ALA A 175 -2.47 -22.07 -5.69
CA ALA A 175 -1.24 -21.49 -6.27
C ALA A 175 -1.33 -21.33 -7.79
N LYS A 176 -2.16 -22.18 -8.44
CA LYS A 176 -2.53 -21.94 -9.85
C LYS A 176 -3.14 -20.57 -10.09
N HIS A 177 -3.79 -19.98 -9.08
CA HIS A 177 -4.47 -18.68 -9.31
C HIS A 177 -4.06 -17.52 -8.44
N ASP A 178 -3.10 -17.68 -7.55
CA ASP A 178 -2.47 -16.54 -6.88
C ASP A 178 -1.04 -16.99 -6.70
N LYS A 179 -0.08 -16.12 -6.99
CA LYS A 179 1.33 -16.49 -6.79
C LYS A 179 1.71 -16.76 -5.31
N ILE A 180 0.92 -16.14 -4.40
CA ILE A 180 1.00 -16.27 -2.95
C ILE A 180 -0.28 -16.80 -2.34
N VAL A 181 -0.16 -17.88 -1.58
CA VAL A 181 -1.24 -18.54 -0.88
C VAL A 181 -1.01 -18.45 0.60
N ILE A 182 -2.06 -18.03 1.32
CA ILE A 182 -2.07 -17.97 2.77
C ILE A 182 -2.66 -19.26 3.28
N VAL A 183 -2.04 -19.83 4.30
CA VAL A 183 -2.60 -21.03 5.00
C VAL A 183 -2.66 -20.74 6.47
N GLU A 184 -3.89 -20.54 6.99
CA GLU A 184 -4.19 -20.14 8.33
C GLU A 184 -4.65 -21.32 9.23
N LYS A 185 -4.19 -21.29 10.46
CA LYS A 185 -4.83 -22.11 11.50
C LYS A 185 -6.37 -21.71 11.50
N SER A 186 -7.21 -22.74 11.60
CA SER A 186 -8.64 -22.50 11.77
C SER A 186 -8.88 -22.14 13.22
N ILE A 187 -9.60 -21.03 13.42
CA ILE A 187 -9.96 -20.56 14.73
C ILE A 187 -11.36 -21.28 15.04
N GLU A 188 -11.35 -22.15 16.01
CA GLU A 188 -12.54 -23.00 16.30
C GLU A 188 -13.05 -22.69 17.68
N GLY A 189 -14.30 -23.07 17.92
CA GLY A 189 -14.80 -23.18 19.30
C GLY A 189 -15.45 -21.88 19.79
N GLY A 190 -15.46 -20.81 18.94
CA GLY A 190 -16.08 -19.55 19.40
C GLY A 190 -17.12 -19.14 18.40
N GLY A 191 -16.92 -17.96 17.88
CA GLY A 191 -17.89 -17.39 16.97
C GLY A 191 -17.19 -16.40 16.03
N GLU A 192 -17.94 -15.84 15.14
CA GLU A 192 -17.51 -14.91 14.09
C GLU A 192 -18.09 -13.55 14.31
N TYR A 193 -17.42 -12.46 14.10
CA TYR A 193 -17.86 -11.15 14.42
C TYR A 193 -17.38 -10.12 13.36
N THR A 194 -18.04 -8.97 13.36
CA THR A 194 -17.54 -7.86 12.55
C THR A 194 -17.78 -6.59 13.29
N ALA A 195 -16.79 -5.66 13.26
CA ALA A 195 -16.83 -4.31 13.88
C ALA A 195 -16.93 -3.28 12.80
N CYS A 196 -18.12 -2.64 12.65
CA CYS A 196 -18.26 -1.57 11.67
C CYS A 196 -17.66 -0.32 12.30
N ILE A 197 -17.02 0.46 11.45
CA ILE A 197 -16.29 1.69 11.84
C ILE A 197 -16.83 2.84 10.90
N ALA A 198 -17.29 3.90 11.58
CA ALA A 198 -17.75 5.08 10.81
C ALA A 198 -17.47 6.29 11.64
N ALA A 199 -16.38 6.98 11.26
CA ALA A 199 -15.99 8.10 12.06
C ALA A 199 -15.75 7.73 13.51
N ASP A 200 -16.22 8.54 14.46
CA ASP A 200 -16.18 8.26 15.89
C ASP A 200 -17.52 7.69 16.38
N LEU A 201 -18.40 7.26 15.48
CA LEU A 201 -19.67 6.63 15.93
C LEU A 201 -19.38 5.37 16.79
N ASP A 202 -20.12 5.17 17.88
CA ASP A 202 -19.96 4.00 18.77
C ASP A 202 -20.85 2.85 18.27
N LEU A 203 -20.49 2.16 17.23
CA LEU A 203 -21.31 1.17 16.64
C LEU A 203 -21.13 -0.18 17.31
N PRO A 204 -22.19 -0.91 17.56
CA PRO A 204 -22.11 -2.25 18.13
C PRO A 204 -21.51 -3.29 17.20
N LEU A 205 -20.82 -4.30 17.88
CA LEU A 205 -20.43 -5.44 17.12
C LEU A 205 -21.63 -6.28 16.58
N ILE A 206 -21.44 -7.01 15.49
CA ILE A 206 -22.35 -7.86 14.87
C ILE A 206 -21.77 -9.26 15.00
N ARG A 207 -22.56 -10.23 15.50
CA ARG A 207 -22.14 -11.64 15.44
C ARG A 207 -22.62 -12.21 14.13
N ILE A 208 -21.86 -12.88 13.30
CA ILE A 208 -22.25 -13.45 12.05
C ILE A 208 -22.37 -14.93 12.32
N VAL A 209 -23.57 -15.52 12.08
CA VAL A 209 -23.79 -16.93 12.28
C VAL A 209 -24.16 -17.58 10.98
N PRO A 210 -23.20 -18.14 10.27
CA PRO A 210 -23.53 -18.91 9.03
C PRO A 210 -24.29 -20.22 9.35
N ALA A 211 -25.22 -20.72 8.51
CA ALA A 211 -25.91 -22.01 8.80
C ALA A 211 -25.03 -23.24 8.56
N GLY A 212 -23.92 -23.09 7.84
CA GLY A 212 -23.06 -24.22 7.57
C GLY A 212 -21.68 -23.98 8.12
N GLU A 213 -20.66 -24.46 7.40
CA GLU A 213 -19.35 -24.66 7.96
C GLU A 213 -18.70 -23.32 8.35
N PHE A 214 -18.80 -22.34 7.47
CA PHE A 214 -18.15 -21.04 7.65
C PHE A 214 -18.87 -20.05 6.77
N TYR A 215 -18.47 -18.78 6.82
CA TYR A 215 -19.16 -17.67 6.12
C TYR A 215 -18.72 -17.74 4.67
N ASP A 216 -19.26 -18.74 3.97
CA ASP A 216 -18.84 -19.06 2.61
C ASP A 216 -19.73 -18.27 1.63
N TYR A 217 -19.52 -18.43 0.31
CA TYR A 217 -20.30 -17.70 -0.70
C TYR A 217 -21.76 -18.05 -0.53
N HIS A 218 -22.03 -19.34 -0.29
CA HIS A 218 -23.42 -19.72 -0.07
C HIS A 218 -24.05 -18.92 1.10
N ALA A 219 -23.33 -18.83 2.21
CA ALA A 219 -23.87 -18.12 3.46
C ALA A 219 -24.11 -16.62 3.23
N LYS A 220 -23.17 -16.00 2.47
CA LYS A 220 -23.20 -14.55 2.22
C LYS A 220 -24.28 -14.19 1.20
N TYR A 221 -24.33 -14.99 0.12
CA TYR A 221 -25.11 -14.59 -1.11
C TYR A 221 -26.29 -15.50 -1.51
N ILE A 222 -26.42 -16.67 -0.90
CA ILE A 222 -27.43 -17.65 -1.38
C ILE A 222 -28.47 -17.93 -0.28
N ALA A 223 -27.96 -18.52 0.81
CA ALA A 223 -28.64 -18.82 2.08
C ALA A 223 -29.55 -17.70 2.54
N ASN A 224 -30.78 -18.09 2.89
CA ASN A 224 -31.74 -17.21 3.57
C ASN A 224 -31.57 -17.08 5.05
N ASP A 225 -30.62 -17.78 5.64
CA ASP A 225 -30.70 -17.97 7.09
C ASP A 225 -29.35 -17.68 7.80
N THR A 226 -28.45 -16.97 7.15
CA THR A 226 -27.29 -16.43 7.92
C THR A 226 -27.78 -15.34 8.83
N GLN A 227 -27.42 -15.44 10.09
CA GLN A 227 -27.83 -14.52 11.09
C GLN A 227 -26.80 -13.39 11.20
N TYR A 228 -27.25 -12.16 11.41
CA TYR A 228 -26.38 -11.01 11.69
C TYR A 228 -26.95 -10.41 12.96
N LEU A 229 -26.38 -10.72 14.09
CA LEU A 229 -26.97 -10.48 15.41
C LEU A 229 -26.44 -9.29 16.21
N ILE A 230 -27.31 -8.39 16.60
CA ILE A 230 -27.12 -7.40 17.54
C ILE A 230 -28.25 -7.52 18.57
N PRO A 231 -27.95 -7.72 19.86
CA PRO A 231 -26.62 -7.75 20.48
C PRO A 231 -25.81 -8.98 20.02
N CYS A 232 -24.47 -8.75 20.07
CA CYS A 232 -23.58 -9.83 19.54
C CYS A 232 -23.41 -10.99 20.56
N GLY A 233 -23.83 -10.79 21.80
CA GLY A 233 -23.80 -11.87 22.78
C GLY A 233 -22.69 -11.69 23.82
N LEU A 234 -21.69 -10.94 23.40
CA LEU A 234 -20.52 -10.71 24.27
C LEU A 234 -20.80 -9.76 25.43
N ASP A 235 -20.04 -9.88 26.50
CA ASP A 235 -20.16 -9.05 27.66
C ASP A 235 -19.59 -7.65 27.33
N ALA A 236 -20.00 -6.68 28.10
CA ALA A 236 -19.78 -5.29 27.78
C ALA A 236 -18.27 -4.98 27.72
N ALA A 237 -17.50 -5.55 28.65
CA ALA A 237 -16.05 -5.23 28.67
C ALA A 237 -15.39 -5.82 27.43
N LYS A 238 -15.74 -7.04 27.03
CA LYS A 238 -15.11 -7.67 25.86
C LYS A 238 -15.54 -6.93 24.61
N GLU A 239 -16.85 -6.61 24.52
CA GLU A 239 -17.31 -5.88 23.35
C GLU A 239 -16.52 -4.54 23.16
N ALA A 240 -16.33 -3.82 24.23
CA ALA A 240 -15.55 -2.52 24.19
C ALA A 240 -14.09 -2.82 23.77
N GLU A 241 -13.53 -3.87 24.35
CA GLU A 241 -12.12 -4.25 24.07
C GLU A 241 -11.93 -4.58 22.61
N PHE A 242 -12.80 -5.40 22.04
CA PHE A 242 -12.70 -5.81 20.64
C PHE A 242 -12.91 -4.65 19.68
N LYS A 243 -13.88 -3.78 20.01
CA LYS A 243 -14.06 -2.55 19.22
C LYS A 243 -12.80 -1.69 19.22
N ARG A 244 -12.13 -1.61 20.34
CA ARG A 244 -10.84 -0.84 20.41
C ARG A 244 -9.73 -1.47 19.52
N ILE A 245 -9.57 -2.77 19.63
CA ILE A 245 -8.57 -3.51 18.84
C ILE A 245 -8.87 -3.36 17.37
N ALA A 246 -10.21 -3.49 17.01
CA ALA A 246 -10.63 -3.34 15.65
C ALA A 246 -10.23 -2.00 15.03
N ARG A 247 -10.40 -0.92 15.81
N ARG A 247 -10.39 -0.92 15.81
CA ARG A 247 -10.02 0.39 15.33
C ARG A 247 -8.49 0.53 15.16
C ARG A 247 -8.49 0.51 15.13
N ARG A 248 -7.72 -0.13 16.04
CA ARG A 248 -6.26 -0.12 15.88
C ARG A 248 -5.87 -0.94 14.68
N ALA A 249 -6.51 -2.06 14.44
CA ALA A 249 -6.27 -2.89 13.29
C ALA A 249 -6.42 -2.15 11.94
N PHE A 250 -7.49 -1.31 11.91
CA PHE A 250 -7.74 -0.51 10.78
C PHE A 250 -6.62 0.59 10.65
N ASP A 251 -6.35 1.29 11.74
CA ASP A 251 -5.45 2.41 11.73
C ASP A 251 -4.04 2.00 11.28
N VAL A 252 -3.61 0.84 11.76
CA VAL A 252 -2.19 0.45 11.47
C VAL A 252 -1.93 0.11 10.03
N LEU A 253 -2.96 -0.15 9.23
CA LEU A 253 -2.88 -0.42 7.82
C LEU A 253 -2.92 0.85 6.93
N GLY A 254 -3.17 1.98 7.61
CA GLY A 254 -3.38 3.26 6.93
C GLY A 254 -4.78 3.48 6.47
N CYS A 255 -5.70 2.66 6.95
CA CYS A 255 -7.11 2.84 6.56
C CYS A 255 -7.75 3.95 7.39
N THR A 256 -8.71 4.67 6.81
N THR A 256 -8.72 4.66 6.82
CA THR A 256 -9.33 5.67 7.62
C THR A 256 -10.74 5.18 7.94
C THR A 256 -10.85 5.56 7.66
N ASP A 257 -11.40 5.87 8.86
CA ASP A 257 -12.48 5.14 9.67
C ASP A 257 -13.85 5.18 8.90
N TRP A 258 -13.81 4.42 7.86
CA TRP A 258 -14.97 3.86 7.20
C TRP A 258 -14.73 2.46 6.73
N GLY A 259 -15.43 1.50 7.35
CA GLY A 259 -15.24 0.13 6.89
C GLY A 259 -15.72 -0.84 7.96
N ARG A 260 -15.25 -2.06 7.85
CA ARG A 260 -15.50 -3.05 8.90
C ARG A 260 -14.24 -3.92 9.08
N ALA A 261 -14.06 -4.36 10.30
CA ALA A 261 -12.94 -5.27 10.68
C ALA A 261 -13.54 -6.60 11.11
N ASP A 262 -13.08 -7.67 10.50
CA ASP A 262 -13.67 -8.98 10.60
C ASP A 262 -12.87 -9.84 11.49
N PHE A 263 -13.39 -10.59 12.44
CA PHE A 263 -12.58 -11.39 13.37
C PHE A 263 -13.27 -12.63 13.90
N MET A 264 -12.53 -13.64 14.29
CA MET A 264 -13.00 -14.85 14.89
C MET A 264 -12.61 -14.79 16.34
N LEU A 265 -13.41 -15.51 17.18
CA LEU A 265 -13.01 -15.82 18.55
C LEU A 265 -12.86 -17.33 18.69
N ASP A 266 -11.82 -17.71 19.45
CA ASP A 266 -11.65 -19.09 19.80
C ASP A 266 -12.52 -19.49 21.04
N ALA A 267 -12.40 -20.79 21.45
CA ALA A 267 -13.06 -21.25 22.67
C ALA A 267 -12.69 -20.51 23.91
N ALA A 268 -11.48 -19.99 23.99
CA ALA A 268 -11.06 -19.20 25.15
C ALA A 268 -11.48 -17.79 25.07
N GLY A 269 -12.09 -17.37 23.95
CA GLY A 269 -12.58 -16.00 23.89
C GLY A 269 -11.54 -15.01 23.42
N ASN A 270 -10.47 -15.54 22.81
CA ASN A 270 -9.40 -14.67 22.24
C ASN A 270 -9.76 -14.36 20.82
N PRO A 271 -9.48 -13.06 20.42
CA PRO A 271 -9.81 -12.67 19.05
C PRO A 271 -8.72 -12.83 18.01
N TYR A 272 -9.02 -13.05 16.77
CA TYR A 272 -8.07 -13.18 15.64
C TYR A 272 -8.70 -12.53 14.43
N PHE A 273 -8.08 -11.40 14.01
CA PHE A 273 -8.59 -10.64 12.88
C PHE A 273 -8.31 -11.25 11.57
N LEU A 274 -9.22 -11.34 10.61
CA LEU A 274 -9.10 -11.96 9.31
C LEU A 274 -8.72 -10.96 8.24
N GLU A 275 -9.47 -9.80 8.24
CA GLU A 275 -9.30 -8.77 7.20
C GLU A 275 -9.96 -7.54 7.62
N VAL A 276 -9.65 -6.44 6.97
CA VAL A 276 -10.55 -5.28 6.90
C VAL A 276 -11.24 -5.22 5.56
N ASN A 277 -12.38 -4.46 5.61
CA ASN A 277 -13.13 -4.23 4.40
C ASN A 277 -13.35 -2.70 4.36
N THR A 278 -12.71 -2.06 3.34
CA THR A 278 -12.69 -0.58 3.23
C THR A 278 -13.85 -0.07 2.33
N ALA A 279 -14.75 -0.99 1.85
CA ALA A 279 -15.84 -0.62 0.92
C ALA A 279 -17.13 -1.39 1.26
N PRO A 280 -17.56 -1.21 2.48
CA PRO A 280 -18.72 -2.04 2.83
C PRO A 280 -20.00 -1.62 2.11
N GLY A 281 -20.96 -2.55 2.05
CA GLY A 281 -22.22 -2.27 1.44
C GLY A 281 -23.07 -1.21 2.17
N MET A 282 -23.92 -0.57 1.34
CA MET A 282 -24.82 0.41 1.90
C MET A 282 -26.22 0.18 1.32
N THR A 283 -26.52 -1.06 1.08
CA THR A 283 -27.93 -1.42 0.70
C THR A 283 -28.78 -1.43 1.92
N ASP A 284 -30.07 -1.61 1.73
CA ASP A 284 -30.93 -1.68 2.93
C ASP A 284 -30.89 -2.92 3.77
N HIS A 285 -30.05 -3.85 3.38
CA HIS A 285 -29.89 -5.05 4.20
C HIS A 285 -28.36 -5.16 4.56
N SER A 286 -27.63 -4.05 4.40
CA SER A 286 -26.16 -4.09 4.61
C SER A 286 -25.80 -3.91 6.06
N LEU A 287 -24.55 -4.22 6.51
CA LEU A 287 -24.27 -4.17 7.94
C LEU A 287 -24.04 -2.85 8.58
N PRO A 288 -23.38 -1.88 7.82
CA PRO A 288 -23.24 -0.59 8.54
C PRO A 288 -24.59 0.14 8.92
N PRO A 289 -25.54 0.11 7.95
CA PRO A 289 -26.85 0.74 8.37
C PRO A 289 -27.51 0.06 9.54
N LYS A 290 -27.30 -1.23 9.66
CA LYS A 290 -27.92 -1.97 10.81
C LYS A 290 -27.32 -1.56 12.11
N ALA A 291 -25.94 -1.63 12.08
CA ALA A 291 -25.23 -1.23 13.28
C ALA A 291 -25.52 0.25 13.70
N ALA A 292 -25.63 1.12 12.67
CA ALA A 292 -25.97 2.48 12.99
C ALA A 292 -27.43 2.68 13.55
N ARG A 293 -28.38 1.95 12.94
CA ARG A 293 -29.75 2.07 13.41
C ARG A 293 -29.95 1.46 14.79
N ALA A 294 -29.03 0.53 15.14
CA ALA A 294 -29.05 0.00 16.53
C ALA A 294 -28.73 1.00 17.63
N VAL A 295 -28.00 2.07 17.22
CA VAL A 295 -27.69 3.10 18.12
C VAL A 295 -28.46 4.40 17.74
N GLY A 296 -29.54 4.29 16.99
CA GLY A 296 -30.33 5.45 16.79
C GLY A 296 -29.94 6.34 15.65
N ILE A 297 -29.02 5.91 14.82
CA ILE A 297 -28.52 6.72 13.69
C ILE A 297 -29.12 6.14 12.43
N GLY A 298 -30.05 6.91 11.84
CA GLY A 298 -30.62 6.57 10.57
C GLY A 298 -29.76 6.69 9.39
N TYR A 299 -30.22 6.18 8.27
CA TYR A 299 -29.41 5.91 7.08
C TYR A 299 -28.83 7.26 6.56
N SER A 300 -29.66 8.26 6.41
CA SER A 300 -29.20 9.53 5.93
C SER A 300 -28.16 10.16 6.89
N GLU A 301 -28.41 10.08 8.19
CA GLU A 301 -27.49 10.57 9.20
C GLU A 301 -26.11 9.86 9.08
N LEU A 302 -26.16 8.54 8.86
CA LEU A 302 -24.90 7.75 8.68
C LEU A 302 -24.15 8.24 7.41
N VAL A 303 -24.79 8.40 6.29
CA VAL A 303 -24.09 8.78 5.06
C VAL A 303 -23.55 10.18 5.18
N VAL A 304 -24.21 11.07 5.88
CA VAL A 304 -23.73 12.46 6.09
C VAL A 304 -22.50 12.44 6.98
N LYS A 305 -22.55 11.60 8.02
CA LYS A 305 -21.40 11.46 8.95
C LYS A 305 -20.20 10.91 8.18
N VAL A 306 -20.38 9.98 7.32
CA VAL A 306 -19.25 9.43 6.59
C VAL A 306 -18.66 10.54 5.70
N LEU A 307 -19.52 11.23 4.98
CA LEU A 307 -19.12 12.34 4.08
C LEU A 307 -18.50 13.44 4.84
N SER A 308 -18.93 13.72 6.07
CA SER A 308 -18.38 14.83 6.85
C SER A 308 -16.90 14.73 7.07
N LEU A 309 -16.35 13.52 7.02
CA LEU A 309 -14.94 13.45 7.22
C LEU A 309 -14.13 13.86 6.07
N THR A 310 -14.71 14.02 4.90
CA THR A 310 -14.00 14.65 3.79
C THR A 310 -13.88 16.15 3.88
N LEU A 311 -14.48 16.72 4.91
CA LEU A 311 -14.34 18.10 5.15
C LEU A 311 -13.03 18.29 5.93
N ASP A 312 -12.55 19.47 5.84
CA ASP A 312 -11.32 19.73 6.56
C ASP A 312 -10.12 18.76 6.29
N ILE B 4 14.20 -6.48 -29.58
CA ILE B 4 13.20 -6.42 -30.72
C ILE B 4 12.59 -4.98 -30.86
N ASP B 5 11.71 -4.78 -31.83
CA ASP B 5 11.74 -3.55 -32.58
C ASP B 5 10.89 -2.49 -31.96
N PRO B 6 11.37 -1.21 -32.06
CA PRO B 6 10.77 -0.04 -31.38
C PRO B 6 9.31 0.34 -31.73
N LYS B 7 8.86 -0.10 -32.90
CA LYS B 7 7.47 0.02 -33.27
C LYS B 7 6.56 -0.74 -32.28
N ARG B 8 7.05 -1.81 -31.67
CA ARG B 8 6.26 -2.56 -30.68
C ARG B 8 5.87 -1.72 -29.44
N PHE B 9 6.68 -0.75 -29.09
CA PHE B 9 6.35 0.06 -27.94
C PHE B 9 5.18 1.05 -28.25
N GLY B 10 4.83 1.31 -29.53
CA GLY B 10 3.72 2.19 -29.84
C GLY B 10 4.11 3.61 -29.48
N LYS B 11 3.10 4.41 -29.27
CA LYS B 11 3.30 5.77 -28.85
C LYS B 11 3.54 5.73 -27.32
N VAL B 12 4.79 6.07 -26.92
CA VAL B 12 5.19 6.05 -25.57
C VAL B 12 5.30 7.44 -24.96
N ALA B 13 4.84 7.52 -23.70
CA ALA B 13 4.98 8.78 -22.96
C ALA B 13 6.13 8.66 -21.99
N VAL B 14 6.80 9.79 -21.77
CA VAL B 14 7.85 9.87 -20.71
C VAL B 14 7.28 10.92 -19.81
N LEU B 15 6.76 10.43 -18.70
CA LEU B 15 6.18 11.34 -17.74
C LEU B 15 7.35 12.01 -17.01
N LEU B 16 7.25 13.34 -16.92
CA LEU B 16 8.24 14.21 -16.31
C LEU B 16 7.71 15.55 -15.85
N GLY B 17 8.51 16.20 -15.04
CA GLY B 17 8.18 17.43 -14.41
C GLY B 17 7.27 17.27 -13.20
N GLY B 18 5.95 17.45 -13.42
CA GLY B 18 5.03 17.53 -12.31
C GLY B 18 5.20 18.70 -11.30
N ASP B 19 4.54 18.50 -10.18
CA ASP B 19 4.23 19.54 -9.24
C ASP B 19 5.12 19.56 -8.00
N SER B 20 5.94 18.53 -7.81
CA SER B 20 6.65 18.32 -6.51
C SER B 20 7.81 19.31 -6.40
N ALA B 21 8.40 19.42 -5.19
CA ALA B 21 9.59 20.26 -4.97
C ALA B 21 10.87 19.77 -5.68
N GLU B 22 10.77 18.58 -6.29
CA GLU B 22 11.85 17.98 -7.15
C GLU B 22 11.46 17.88 -8.60
N ARG B 23 10.59 18.83 -9.03
CA ARG B 23 10.25 19.02 -10.45
C ARG B 23 11.54 19.06 -11.28
N GLU B 24 12.53 19.85 -10.82
CA GLU B 24 13.73 20.04 -11.72
C GLU B 24 14.58 18.73 -11.79
N VAL B 25 14.60 17.97 -10.69
CA VAL B 25 15.27 16.62 -10.77
C VAL B 25 14.54 15.77 -11.85
N SER B 26 13.17 15.69 -11.82
CA SER B 26 12.43 14.96 -12.83
C SER B 26 12.54 15.52 -14.22
N LEU B 27 12.58 16.86 -14.35
CA LEU B 27 12.78 17.39 -15.72
C LEU B 27 14.10 16.88 -16.31
N ASN B 28 15.18 16.91 -15.48
CA ASN B 28 16.50 16.46 -16.00
C ASN B 28 16.49 14.99 -16.31
N SER B 29 15.92 14.19 -15.42
CA SER B 29 15.82 12.79 -15.65
C SER B 29 15.05 12.40 -16.90
N GLY B 30 13.81 12.96 -16.98
CA GLY B 30 12.94 12.73 -18.14
C GLY B 30 13.60 13.25 -19.43
N ARG B 31 14.32 14.41 -19.42
CA ARG B 31 15.07 14.84 -20.66
C ARG B 31 15.95 13.63 -21.09
N LEU B 32 16.70 13.06 -20.12
CA LEU B 32 17.67 12.03 -20.50
C LEU B 32 16.99 10.71 -20.94
N VAL B 33 15.93 10.29 -20.23
CA VAL B 33 15.20 9.04 -20.62
C VAL B 33 14.58 9.13 -22.00
N LEU B 34 13.90 10.25 -22.22
CA LEU B 34 13.42 10.62 -23.56
C LEU B 34 14.49 10.44 -24.63
N GLN B 35 15.67 11.01 -24.38
CA GLN B 35 16.76 10.93 -25.40
C GLN B 35 17.21 9.46 -25.52
N GLY B 36 17.25 8.72 -24.41
CA GLY B 36 17.52 7.26 -24.46
C GLY B 36 16.60 6.42 -25.33
N LEU B 37 15.30 6.66 -25.17
CA LEU B 37 14.34 5.83 -25.90
C LEU B 37 14.30 6.28 -27.37
N ARG B 38 14.47 7.58 -27.57
CA ARG B 38 14.55 8.13 -28.98
C ARG B 38 15.84 7.69 -29.74
N ASP B 39 16.95 7.60 -29.04
CA ASP B 39 18.18 6.94 -29.66
C ASP B 39 17.90 5.49 -30.10
N ALA B 40 16.90 4.84 -29.50
CA ALA B 40 16.54 3.42 -29.79
C ALA B 40 15.41 3.37 -30.84
N GLY B 41 15.03 4.53 -31.36
CA GLY B 41 14.03 4.57 -32.42
C GLY B 41 12.63 4.40 -31.90
N ILE B 42 12.44 4.57 -30.56
CA ILE B 42 11.08 4.46 -30.02
C ILE B 42 10.35 5.77 -30.15
N ASP B 43 9.06 5.66 -30.46
CA ASP B 43 8.16 6.85 -30.62
C ASP B 43 7.77 7.45 -29.26
N ALA B 44 8.70 8.18 -28.65
CA ALA B 44 8.57 8.73 -27.32
C ALA B 44 8.44 10.23 -27.30
N HIS B 45 7.55 10.72 -26.44
CA HIS B 45 7.31 12.15 -26.28
C HIS B 45 7.19 12.44 -24.81
N PRO B 46 7.61 13.69 -24.45
CA PRO B 46 7.42 14.11 -23.08
C PRO B 46 5.91 14.37 -22.86
N PHE B 47 5.49 14.02 -21.65
CA PHE B 47 4.10 14.31 -21.17
C PHE B 47 4.31 14.81 -19.77
N ASP B 48 4.29 16.13 -19.52
CA ASP B 48 4.28 16.71 -18.15
C ASP B 48 2.86 16.85 -17.63
N PRO B 49 2.46 15.99 -16.67
CA PRO B 49 1.10 16.14 -16.14
C PRO B 49 0.77 17.43 -15.32
N ALA B 50 1.78 18.27 -14.94
CA ALA B 50 1.44 19.58 -14.25
C ALA B 50 1.03 20.70 -15.18
N GLN B 51 1.31 20.48 -16.44
CA GLN B 51 1.01 21.51 -17.45
C GLN B 51 0.02 21.08 -18.54
N ARG B 52 -0.30 19.79 -18.56
CA ARG B 52 -1.00 19.10 -19.62
C ARG B 52 -2.00 18.16 -18.90
N PRO B 53 -3.32 18.32 -19.13
CA PRO B 53 -4.29 17.38 -18.48
C PRO B 53 -4.07 15.94 -18.96
N LEU B 54 -4.25 14.91 -18.07
CA LEU B 54 -3.96 13.46 -18.27
C LEU B 54 -4.64 12.48 -19.26
N ALA B 55 -5.98 12.48 -19.29
CA ALA B 55 -6.79 11.47 -20.02
C ALA B 55 -6.38 11.35 -21.52
N ALA B 56 -5.59 12.32 -22.03
CA ALA B 56 -4.76 12.17 -23.29
C ALA B 56 -4.01 10.85 -23.53
N LEU B 57 -3.66 10.09 -22.51
CA LEU B 57 -2.98 8.84 -22.81
C LEU B 57 -3.91 7.89 -23.61
N LYS B 58 -5.09 7.55 -23.05
CA LYS B 58 -6.02 6.59 -23.71
C LYS B 58 -6.58 7.24 -24.99
N ASP B 59 -6.90 8.55 -24.90
CA ASP B 59 -7.42 9.29 -26.08
C ASP B 59 -6.43 9.53 -27.20
N GLU B 60 -5.21 9.91 -26.84
CA GLU B 60 -4.29 10.58 -27.79
C GLU B 60 -3.24 9.69 -28.38
N GLY B 61 -3.40 8.37 -28.21
CA GLY B 61 -2.59 7.38 -28.91
C GLY B 61 -1.62 6.62 -27.98
N PHE B 62 -1.40 7.13 -26.76
CA PHE B 62 -0.40 6.58 -25.84
C PHE B 62 -0.83 5.27 -25.18
N VAL B 63 -0.02 4.25 -25.38
CA VAL B 63 -0.30 2.90 -24.89
C VAL B 63 0.54 2.58 -23.64
N ARG B 64 1.61 3.37 -23.47
CA ARG B 64 2.67 3.17 -22.50
C ARG B 64 3.27 4.37 -21.90
N ALA B 65 3.81 4.15 -20.73
CA ALA B 65 4.46 5.26 -20.06
C ALA B 65 5.71 4.82 -19.32
N PHE B 66 6.81 5.56 -19.56
CA PHE B 66 8.01 5.45 -18.71
C PHE B 66 7.84 6.47 -17.61
N ASN B 67 7.72 5.99 -16.36
CA ASN B 67 7.63 6.89 -15.23
C ASN B 67 8.97 7.54 -14.86
N ALA B 68 9.21 8.81 -15.27
CA ALA B 68 10.39 9.63 -14.84
C ALA B 68 10.04 10.76 -13.89
N LEU B 69 8.84 10.62 -13.25
CA LEU B 69 8.50 11.53 -12.18
C LEU B 69 9.34 11.34 -10.95
N HIS B 70 9.48 12.38 -10.14
CA HIS B 70 10.23 12.35 -8.83
C HIS B 70 9.41 13.02 -7.75
N GLY B 71 8.93 12.24 -6.84
CA GLY B 71 8.18 12.78 -5.77
C GLY B 71 6.70 12.91 -6.14
N GLY B 72 6.00 13.33 -5.13
CA GLY B 72 4.56 13.49 -5.25
C GLY B 72 3.87 12.29 -5.90
N TYR B 73 2.91 12.63 -6.82
CA TYR B 73 1.97 11.62 -7.41
C TYR B 73 2.77 10.58 -8.21
N GLY B 74 4.01 10.92 -8.61
CA GLY B 74 4.87 9.91 -9.33
C GLY B 74 5.43 8.75 -8.47
N GLU B 75 5.46 9.02 -7.19
CA GLU B 75 6.11 8.04 -6.29
C GLU B 75 5.08 7.34 -5.33
N ASN B 76 3.86 7.92 -5.15
CA ASN B 76 3.03 7.58 -3.97
C ASN B 76 1.90 6.59 -4.34
N GLY B 77 1.86 6.12 -5.59
CA GLY B 77 0.74 5.27 -6.03
C GLY B 77 -0.37 5.91 -6.81
N GLN B 78 -0.49 7.23 -6.67
CA GLN B 78 -1.59 7.98 -7.29
C GLN B 78 -1.54 7.86 -8.78
N ILE B 79 -0.37 8.15 -9.36
CA ILE B 79 -0.26 8.17 -10.78
C ILE B 79 -0.46 6.69 -11.30
N GLN B 80 0.10 5.69 -10.60
CA GLN B 80 -0.04 4.29 -10.95
C GLN B 80 -1.48 3.79 -10.88
N GLY B 81 -2.20 4.14 -9.83
CA GLY B 81 -3.60 3.79 -9.77
C GLY B 81 -4.38 4.35 -10.93
N ALA B 82 -4.10 5.61 -11.27
CA ALA B 82 -4.82 6.22 -12.31
C ALA B 82 -4.49 5.63 -13.70
N LEU B 83 -3.26 5.24 -13.95
CA LEU B 83 -2.92 4.65 -15.19
C LEU B 83 -3.55 3.27 -15.31
N ASP B 84 -3.47 2.45 -14.20
CA ASP B 84 -4.36 1.26 -14.16
C ASP B 84 -5.84 1.55 -14.52
N PHE B 85 -6.38 2.60 -13.92
CA PHE B 85 -7.77 2.99 -14.16
C PHE B 85 -8.02 3.25 -15.66
N TYR B 86 -7.05 3.93 -16.24
CA TYR B 86 -7.09 4.32 -17.71
C TYR B 86 -6.54 3.26 -18.69
N GLY B 87 -6.10 2.08 -18.17
CA GLY B 87 -5.53 1.03 -18.99
C GLY B 87 -4.22 1.38 -19.72
N ILE B 88 -3.42 2.28 -19.16
CA ILE B 88 -2.08 2.60 -19.76
C ILE B 88 -1.09 1.80 -18.92
N ARG B 89 -0.28 0.99 -19.59
CA ARG B 89 0.83 0.34 -18.95
C ARG B 89 1.99 1.27 -18.57
N TYR B 90 2.69 0.95 -17.49
CA TYR B 90 3.73 1.83 -17.02
C TYR B 90 4.87 1.04 -16.42
N THR B 91 6.05 1.66 -16.42
CA THR B 91 7.26 1.07 -15.80
C THR B 91 7.16 1.10 -14.28
N GLY B 92 7.86 0.17 -13.64
CA GLY B 92 7.96 0.11 -12.21
C GLY B 92 6.84 -0.70 -11.50
N SER B 93 6.56 -0.31 -10.27
CA SER B 93 5.67 -1.10 -9.40
C SER B 93 4.28 -0.58 -9.55
N GLY B 94 3.35 -1.50 -9.19
CA GLY B 94 1.93 -1.19 -9.10
C GLY B 94 1.60 -0.37 -7.86
N VAL B 95 0.27 -0.30 -7.55
CA VAL B 95 -0.23 0.70 -6.64
C VAL B 95 0.28 0.39 -5.23
N LEU B 96 0.14 -0.87 -4.87
CA LEU B 96 0.60 -1.33 -3.55
C LEU B 96 2.12 -1.15 -3.35
N GLY B 97 2.90 -1.68 -4.29
CA GLY B 97 4.34 -1.64 -4.19
C GLY B 97 4.84 -0.17 -4.10
N SER B 98 4.20 0.73 -4.89
CA SER B 98 4.54 2.12 -4.84
C SER B 98 4.21 2.79 -3.53
N ALA B 99 2.93 2.63 -3.12
CA ALA B 99 2.50 3.26 -1.89
C ALA B 99 3.23 2.72 -0.63
N LEU B 100 3.36 1.42 -0.60
CA LEU B 100 3.98 0.80 0.52
C LEU B 100 5.55 1.18 0.55
N GLY B 101 6.17 1.15 -0.63
CA GLY B 101 7.62 1.50 -0.71
C GLY B 101 7.90 2.91 -0.25
N LEU B 102 6.95 3.81 -0.40
CA LEU B 102 7.11 5.15 0.11
C LEU B 102 6.97 5.32 1.61
N ASP B 103 6.25 4.35 2.20
CA ASP B 103 6.03 4.35 3.62
C ASP B 103 7.11 3.53 4.35
N LYS B 104 8.07 4.26 4.92
CA LYS B 104 9.20 3.57 5.51
C LYS B 104 8.74 2.83 6.76
N PHE B 105 7.68 3.27 7.41
CA PHE B 105 7.17 2.66 8.65
C PHE B 105 6.61 1.29 8.28
N ARG B 106 5.62 1.24 7.43
CA ARG B 106 5.02 -0.05 7.09
C ARG B 106 5.95 -0.96 6.30
N THR B 107 6.87 -0.36 5.55
CA THR B 107 7.90 -1.18 4.86
C THR B 107 8.76 -1.91 5.93
N LYS B 108 9.19 -1.19 6.94
CA LYS B 108 10.03 -1.77 8.02
C LYS B 108 9.30 -2.86 8.80
N LEU B 109 7.91 -2.69 9.00
CA LEU B 109 7.14 -3.73 9.68
C LEU B 109 7.17 -4.95 8.82
N VAL B 110 6.93 -4.89 7.55
CA VAL B 110 6.86 -6.00 6.66
C VAL B 110 8.27 -6.69 6.69
N TRP B 111 9.31 -5.89 6.54
CA TRP B 111 10.73 -6.48 6.62
C TRP B 111 10.97 -7.20 7.89
N GLN B 112 10.56 -6.63 9.00
CA GLN B 112 10.78 -7.29 10.31
C GLN B 112 10.04 -8.62 10.44
N GLN B 113 8.95 -8.76 9.73
CA GLN B 113 8.14 -9.99 9.91
C GLN B 113 8.64 -11.06 8.85
N THR B 114 9.47 -10.65 7.86
CA THR B 114 9.88 -11.46 6.73
C THR B 114 11.41 -11.71 6.68
N GLY B 115 12.08 -11.38 7.78
CA GLY B 115 13.49 -11.64 7.92
C GLY B 115 14.42 -10.73 7.09
N ILE B 116 13.94 -9.56 6.63
CA ILE B 116 14.83 -8.59 5.93
C ILE B 116 15.35 -7.75 7.02
N PRO B 117 16.68 -7.68 7.20
CA PRO B 117 17.22 -6.88 8.27
C PRO B 117 17.09 -5.37 8.00
N THR B 118 16.81 -4.67 9.06
CA THR B 118 16.53 -3.23 9.03
C THR B 118 16.85 -2.62 10.42
N PRO B 119 17.28 -1.35 10.47
CA PRO B 119 17.69 -0.86 11.77
C PRO B 119 16.63 -0.91 12.90
N PRO B 120 16.98 -1.31 14.10
CA PRO B 120 16.04 -1.17 15.22
C PRO B 120 15.45 0.23 15.25
N PHE B 121 14.15 0.34 15.58
CA PHE B 121 13.55 1.60 15.59
C PHE B 121 12.38 1.75 16.61
N GLU B 122 11.98 2.97 16.89
CA GLU B 122 10.75 3.28 17.66
C GLU B 122 9.97 4.31 16.81
N THR B 123 8.66 4.41 17.06
CA THR B 123 7.88 5.44 16.44
C THR B 123 7.31 6.37 17.51
N VAL B 124 7.19 7.62 17.04
CA VAL B 124 6.49 8.69 17.72
C VAL B 124 5.43 9.26 16.78
N MET B 125 4.27 9.57 17.36
CA MET B 125 3.17 10.19 16.60
C MET B 125 3.12 11.66 16.90
N ARG B 126 2.76 12.42 15.87
CA ARG B 126 2.42 13.81 16.04
C ARG B 126 1.54 14.04 17.29
N GLY B 127 1.99 14.89 18.20
CA GLY B 127 1.23 15.26 19.42
C GLY B 127 1.47 14.33 20.63
N ASP B 128 2.44 13.41 20.48
CA ASP B 128 2.91 12.61 21.59
C ASP B 128 3.70 13.51 22.52
N ASP B 129 3.98 13.00 23.77
CA ASP B 129 4.89 13.74 24.65
C ASP B 129 6.36 13.53 24.23
N TYR B 130 6.90 14.46 23.46
CA TYR B 130 8.23 14.29 22.96
C TYR B 130 9.36 14.15 23.98
N ALA B 131 9.32 14.86 25.12
CA ALA B 131 10.39 14.75 26.13
C ALA B 131 10.41 13.33 26.72
N ALA B 132 9.21 12.79 26.99
CA ALA B 132 9.06 11.45 27.65
C ALA B 132 9.51 10.33 26.77
N ARG B 133 9.15 10.48 25.52
CA ARG B 133 9.53 9.55 24.48
C ARG B 133 10.99 9.64 24.22
N ALA B 134 11.53 10.84 24.10
CA ALA B 134 13.03 10.99 23.89
C ALA B 134 13.97 10.32 24.88
N GLN B 135 13.73 10.52 26.17
CA GLN B 135 14.51 9.92 27.17
C GLN B 135 14.43 8.39 27.00
N ASP B 136 13.25 7.80 26.81
CA ASP B 136 13.10 6.32 26.69
C ASP B 136 13.71 5.82 25.38
N ILE B 137 13.65 6.63 24.34
CA ILE B 137 14.22 6.20 23.07
C ILE B 137 15.73 6.18 23.07
N VAL B 138 16.32 7.23 23.66
CA VAL B 138 17.75 7.28 23.86
C VAL B 138 18.24 6.11 24.75
N ALA B 139 17.46 5.71 25.75
CA ALA B 139 17.90 4.62 26.57
C ALA B 139 17.84 3.30 25.77
N LYS B 140 16.86 3.15 24.86
CA LYS B 140 16.84 1.91 24.04
C LYS B 140 17.92 1.87 22.96
N LEU B 141 18.06 2.99 22.22
CA LEU B 141 18.79 2.98 21.02
C LEU B 141 20.12 3.73 21.09
N GLY B 142 20.37 4.54 22.12
CA GLY B 142 21.60 5.33 22.10
C GLY B 142 21.52 6.53 21.20
N VAL B 143 22.59 7.29 21.19
CA VAL B 143 22.83 8.23 20.22
C VAL B 143 24.16 7.89 19.47
N PRO B 144 24.28 8.21 18.18
CA PRO B 144 23.36 8.96 17.44
C PRO B 144 22.19 8.11 16.90
N LEU B 145 21.20 8.82 16.44
CA LEU B 145 19.92 8.33 15.91
C LEU B 145 19.58 8.98 14.62
N PHE B 146 18.74 8.36 13.83
CA PHE B 146 18.17 8.96 12.64
C PHE B 146 16.69 9.16 12.87
N VAL B 147 16.25 10.41 12.73
CA VAL B 147 14.82 10.73 12.89
C VAL B 147 14.34 11.00 11.49
N LYS B 148 13.19 10.42 11.12
CA LYS B 148 12.67 10.55 9.78
C LYS B 148 11.14 10.52 9.73
N PRO B 149 10.57 11.41 8.98
CA PRO B 149 9.14 11.31 8.68
C PRO B 149 8.87 10.05 7.89
N ALA B 150 7.81 9.31 8.28
CA ALA B 150 7.68 7.98 7.69
C ALA B 150 7.52 7.91 6.19
N SER B 151 6.66 8.87 5.61
CA SER B 151 6.35 8.82 4.18
C SER B 151 6.83 10.03 3.35
N GLU B 152 8.00 10.57 3.63
CA GLU B 152 8.55 11.79 3.06
C GLU B 152 9.67 11.34 2.18
N GLY B 153 9.55 11.64 0.89
CA GLY B 153 10.49 11.19 -0.12
C GLY B 153 11.72 12.07 -0.15
N SER B 154 12.70 11.54 -0.87
CA SER B 154 13.90 12.36 -1.27
C SER B 154 14.80 12.69 -0.07
N SER B 155 14.63 11.98 1.03
CA SER B 155 15.36 12.27 2.20
C SER B 155 15.17 13.63 2.83
N VAL B 156 14.05 14.30 2.47
CA VAL B 156 13.74 15.55 3.05
C VAL B 156 13.38 15.30 4.51
N ALA B 157 13.99 16.04 5.40
CA ALA B 157 13.69 16.10 6.80
C ALA B 157 14.20 14.86 7.53
N VAL B 158 15.17 14.11 6.94
CA VAL B 158 15.99 13.12 7.69
C VAL B 158 16.99 13.86 8.54
N GLU B 159 17.10 13.59 9.81
CA GLU B 159 18.04 14.33 10.68
C GLU B 159 18.79 13.32 11.56
N LYS B 160 20.15 13.47 11.63
CA LYS B 160 20.97 12.73 12.53
C LYS B 160 21.05 13.52 13.81
N VAL B 161 20.62 12.91 14.91
CA VAL B 161 20.59 13.49 16.25
C VAL B 161 21.74 12.91 17.04
N LYS B 162 22.69 13.78 17.39
CA LYS B 162 23.96 13.37 18.00
C LYS B 162 24.01 13.62 19.46
N SER B 163 22.99 14.30 19.99
CA SER B 163 22.87 14.49 21.44
C SER B 163 21.48 14.19 21.96
N ALA B 164 21.45 13.52 23.10
CA ALA B 164 20.17 13.19 23.78
C ALA B 164 19.27 14.43 24.04
N ASP B 165 19.89 15.56 24.44
CA ASP B 165 19.09 16.78 24.76
C ASP B 165 18.48 17.36 23.47
N ALA B 166 19.08 17.06 22.31
CA ALA B 166 18.50 17.49 21.02
C ALA B 166 17.29 16.71 20.50
N LEU B 167 17.00 15.54 21.02
CA LEU B 167 15.97 14.70 20.40
C LEU B 167 14.56 15.27 20.51
N PRO B 168 14.20 15.87 21.66
CA PRO B 168 12.83 16.31 21.73
C PRO B 168 12.52 17.29 20.63
N ALA B 169 13.41 18.25 20.39
CA ALA B 169 13.14 19.17 19.28
C ALA B 169 13.06 18.48 17.89
N ALA B 170 13.97 17.53 17.67
CA ALA B 170 14.01 16.83 16.39
C ALA B 170 12.72 16.04 16.13
N LEU B 171 12.15 15.43 17.21
CA LEU B 171 10.86 14.75 17.07
C LEU B 171 9.79 15.72 16.65
N GLU B 172 9.75 16.86 17.34
CA GLU B 172 8.70 17.86 17.05
C GLU B 172 8.83 18.39 15.65
N GLU B 173 10.06 18.66 15.23
CA GLU B 173 10.36 19.08 13.85
C GLU B 173 9.94 18.06 12.81
N ALA B 174 10.30 16.77 13.01
CA ALA B 174 9.98 15.72 12.04
C ALA B 174 8.41 15.61 11.93
N ALA B 175 7.74 15.78 13.06
CA ALA B 175 6.29 15.59 13.14
C ALA B 175 5.57 16.64 12.33
N LYS B 176 6.28 17.73 11.97
CA LYS B 176 5.71 18.66 11.01
C LYS B 176 5.58 18.11 9.60
N HIS B 177 6.39 17.09 9.20
CA HIS B 177 6.40 16.53 7.83
C HIS B 177 5.44 15.29 7.72
N ASP B 178 5.11 14.62 8.86
CA ASP B 178 4.28 13.42 8.79
C ASP B 178 3.70 13.10 10.13
N LYS B 179 2.52 12.48 10.16
CA LYS B 179 1.93 12.07 11.43
C LYS B 179 2.65 10.94 12.15
N ILE B 180 3.50 10.22 11.40
CA ILE B 180 4.32 9.22 12.02
C ILE B 180 5.81 9.57 11.78
N VAL B 181 6.55 9.44 12.86
CA VAL B 181 8.04 9.74 12.88
C VAL B 181 8.73 8.45 13.33
N ILE B 182 9.69 8.07 12.49
CA ILE B 182 10.55 6.89 12.72
C ILE B 182 11.75 7.37 13.46
N VAL B 183 12.22 6.71 14.49
CA VAL B 183 13.50 6.99 15.09
C VAL B 183 14.36 5.71 14.98
N GLU B 184 15.43 5.70 14.20
CA GLU B 184 16.25 4.51 13.95
C GLU B 184 17.57 4.59 14.67
N LYS B 185 18.02 3.46 15.18
CA LYS B 185 19.38 3.36 15.53
C LYS B 185 20.29 3.61 14.33
N SER B 186 21.30 4.47 14.61
CA SER B 186 22.31 4.70 13.60
C SER B 186 23.23 3.49 13.45
N ILE B 187 23.36 3.01 12.25
CA ILE B 187 24.24 1.90 11.86
C ILE B 187 25.62 2.49 11.46
N GLU B 188 26.64 2.18 12.28
CA GLU B 188 27.96 2.79 12.12
C GLU B 188 28.98 1.71 11.95
N GLY B 189 30.14 2.17 11.50
CA GLY B 189 31.35 1.35 11.42
C GLY B 189 31.48 0.55 10.16
N GLY B 190 30.64 0.79 9.19
CA GLY B 190 30.65 0.03 8.00
C GLY B 190 30.78 1.02 6.87
N GLY B 191 29.92 0.79 5.95
CA GLY B 191 29.70 1.58 4.71
C GLY B 191 28.20 1.58 4.25
N GLU B 192 27.95 2.34 3.22
CA GLU B 192 26.58 2.53 2.60
C GLU B 192 26.55 2.02 1.22
N TYR B 193 25.49 1.30 0.77
CA TYR B 193 25.41 0.62 -0.45
C TYR B 193 24.03 0.79 -1.13
N THR B 194 23.91 0.59 -2.37
CA THR B 194 22.62 0.37 -3.05
C THR B 194 22.67 -0.69 -4.04
N ALA B 195 21.59 -1.47 -4.20
CA ALA B 195 21.39 -2.47 -5.16
C ALA B 195 20.39 -1.99 -6.15
N CYS B 196 20.77 -1.78 -7.37
CA CYS B 196 19.91 -1.41 -8.47
C CYS B 196 19.26 -2.68 -9.02
N ILE B 197 17.94 -2.60 -9.25
CA ILE B 197 17.16 -3.72 -9.68
C ILE B 197 16.54 -3.32 -11.03
N ALA B 198 16.79 -4.12 -12.06
CA ALA B 198 16.28 -3.84 -13.41
C ALA B 198 16.04 -5.12 -14.15
N ALA B 199 14.81 -5.61 -14.11
CA ALA B 199 14.45 -6.85 -14.70
C ALA B 199 15.38 -7.91 -14.10
N ASP B 200 15.92 -8.76 -14.95
CA ASP B 200 16.82 -9.88 -14.55
C ASP B 200 18.24 -9.47 -14.82
N LEU B 201 18.47 -8.18 -15.09
CA LEU B 201 19.87 -7.74 -15.32
C LEU B 201 20.67 -7.90 -14.09
N ASP B 202 21.92 -8.33 -14.26
CA ASP B 202 22.79 -8.49 -13.14
C ASP B 202 23.62 -7.20 -12.90
N LEU B 203 23.16 -6.30 -12.06
CA LEU B 203 23.82 -5.02 -11.89
C LEU B 203 24.61 -5.04 -10.63
N PRO B 204 25.86 -4.53 -10.67
CA PRO B 204 26.66 -4.53 -9.47
C PRO B 204 26.20 -3.61 -8.34
N LEU B 205 26.49 -3.97 -7.09
CA LEU B 205 26.34 -3.05 -5.98
C LEU B 205 27.19 -1.81 -6.19
N ILE B 206 26.76 -0.69 -5.68
CA ILE B 206 27.50 0.57 -5.63
C ILE B 206 27.71 0.92 -4.19
N ARG B 207 28.96 1.20 -3.78
CA ARG B 207 29.20 1.75 -2.48
C ARG B 207 29.09 3.26 -2.57
N ILE B 208 28.41 3.91 -1.64
CA ILE B 208 28.16 5.34 -1.66
C ILE B 208 28.87 6.00 -0.54
N VAL B 209 29.82 6.93 -0.91
CA VAL B 209 30.55 7.57 0.11
C VAL B 209 30.33 9.09 0.17
N PRO B 210 29.38 9.59 0.94
CA PRO B 210 29.12 11.03 1.09
C PRO B 210 30.37 11.81 1.56
N ALA B 211 30.53 13.02 1.06
CA ALA B 211 31.57 13.93 1.54
C ALA B 211 31.29 14.40 2.95
N GLY B 212 29.99 14.51 3.25
CA GLY B 212 29.57 14.99 4.56
C GLY B 212 29.14 13.84 5.48
N GLU B 213 28.30 14.19 6.46
CA GLU B 213 27.89 13.25 7.52
C GLU B 213 27.08 12.04 7.00
N PHE B 214 26.13 12.30 6.09
CA PHE B 214 25.25 11.26 5.52
C PHE B 214 24.77 11.55 4.11
N TYR B 215 24.13 10.61 3.47
CA TYR B 215 23.67 10.72 2.09
C TYR B 215 22.27 11.45 2.03
N ASP B 216 22.36 12.74 2.34
CA ASP B 216 21.22 13.62 2.45
C ASP B 216 20.76 14.17 1.08
N TYR B 217 19.68 15.00 1.14
CA TYR B 217 19.12 15.54 -0.08
C TYR B 217 20.23 16.35 -0.86
N HIS B 218 20.96 17.10 -0.09
CA HIS B 218 22.13 17.85 -0.70
C HIS B 218 23.13 16.99 -1.46
N ALA B 219 23.53 15.92 -0.77
CA ALA B 219 24.45 14.90 -1.34
C ALA B 219 23.92 14.23 -2.60
N LYS B 220 22.60 13.88 -2.52
CA LYS B 220 21.94 13.25 -3.63
C LYS B 220 21.70 14.08 -4.87
N TYR B 221 21.23 15.30 -4.65
CA TYR B 221 20.68 16.07 -5.76
C TYR B 221 21.34 17.38 -6.06
N ILE B 222 22.10 17.93 -5.12
CA ILE B 222 22.74 19.23 -5.34
C ILE B 222 24.28 19.10 -5.53
N ALA B 223 24.96 18.49 -4.56
CA ALA B 223 26.46 18.37 -4.56
C ALA B 223 26.91 17.38 -5.61
N ASN B 224 28.14 17.53 -6.03
CA ASN B 224 28.78 16.48 -6.87
C ASN B 224 30.08 15.96 -6.21
N ASP B 225 30.10 15.91 -4.87
CA ASP B 225 31.30 15.34 -4.18
C ASP B 225 31.09 14.01 -3.55
N THR B 226 29.89 13.44 -3.70
CA THR B 226 29.71 12.04 -3.25
C THR B 226 30.50 11.14 -4.16
N GLN B 227 31.22 10.20 -3.55
CA GLN B 227 31.98 9.16 -4.35
C GLN B 227 31.16 7.89 -4.51
N TYR B 228 31.19 7.29 -5.67
CA TYR B 228 30.49 6.04 -5.94
C TYR B 228 31.46 4.99 -6.39
N LEU B 229 31.55 3.93 -5.61
CA LEU B 229 32.61 2.96 -5.86
C LEU B 229 32.08 1.72 -6.54
N ILE B 230 32.57 1.25 -7.65
CA ILE B 230 32.12 0.04 -8.33
C ILE B 230 33.39 -0.54 -8.97
N PRO B 231 33.82 -1.72 -8.65
CA PRO B 231 33.34 -2.61 -7.60
C PRO B 231 33.23 -2.00 -6.26
N CYS B 232 32.20 -2.44 -5.49
CA CYS B 232 31.91 -1.77 -4.21
C CYS B 232 32.79 -2.07 -3.02
N GLY B 233 33.75 -2.98 -3.21
CA GLY B 233 34.73 -3.30 -2.17
C GLY B 233 34.42 -4.56 -1.37
N LEU B 234 33.19 -5.11 -1.51
CA LEU B 234 32.84 -6.37 -0.92
C LEU B 234 33.32 -7.49 -1.73
N ASP B 235 33.59 -8.60 -1.01
CA ASP B 235 33.97 -9.79 -1.75
C ASP B 235 32.82 -10.44 -2.52
N ALA B 236 33.13 -11.32 -3.44
CA ALA B 236 32.12 -11.86 -4.38
C ALA B 236 30.93 -12.50 -3.63
N ALA B 237 31.23 -13.35 -2.65
CA ALA B 237 30.16 -14.05 -1.90
C ALA B 237 29.25 -13.08 -1.20
N LYS B 238 29.81 -12.09 -0.54
CA LYS B 238 29.00 -11.11 0.20
C LYS B 238 28.19 -10.30 -0.76
N GLU B 239 28.74 -9.89 -1.86
CA GLU B 239 27.97 -9.10 -2.80
C GLU B 239 26.81 -9.95 -3.30
N ALA B 240 26.98 -11.22 -3.54
CA ALA B 240 25.94 -12.04 -4.16
C ALA B 240 24.88 -12.15 -3.07
N GLU B 241 25.28 -12.34 -1.84
CA GLU B 241 24.35 -12.56 -0.78
C GLU B 241 23.47 -11.30 -0.61
N PHE B 242 24.07 -10.13 -0.59
CA PHE B 242 23.34 -8.91 -0.37
C PHE B 242 22.44 -8.61 -1.56
N LYS B 243 22.81 -8.92 -2.76
CA LYS B 243 21.96 -8.73 -3.91
C LYS B 243 20.66 -9.63 -3.77
N ARG B 244 20.81 -10.87 -3.24
CA ARG B 244 19.68 -11.75 -3.06
C ARG B 244 18.75 -11.11 -2.07
N ILE B 245 19.30 -10.70 -0.92
CA ILE B 245 18.54 -10.11 0.18
C ILE B 245 17.85 -8.89 -0.34
N ALA B 246 18.53 -8.06 -1.11
CA ALA B 246 17.95 -6.82 -1.61
C ALA B 246 16.79 -7.15 -2.51
N ARG B 247 16.88 -8.09 -3.43
CA ARG B 247 15.73 -8.45 -4.31
C ARG B 247 14.56 -8.97 -3.47
N ARG B 248 14.80 -9.74 -2.43
CA ARG B 248 13.72 -10.21 -1.52
C ARG B 248 13.12 -9.03 -0.84
N ALA B 249 13.88 -8.05 -0.40
CA ALA B 249 13.38 -6.88 0.32
C ALA B 249 12.47 -6.10 -0.59
N PHE B 250 12.79 -6.00 -1.86
CA PHE B 250 12.00 -5.29 -2.86
C PHE B 250 10.68 -6.06 -3.08
N ASP B 251 10.80 -7.34 -3.29
CA ASP B 251 9.71 -8.17 -3.71
C ASP B 251 8.65 -8.35 -2.62
N VAL B 252 9.04 -8.39 -1.37
CA VAL B 252 8.12 -8.64 -0.28
C VAL B 252 7.15 -7.45 -0.11
N LEU B 253 7.53 -6.25 -0.56
CA LEU B 253 6.71 -5.07 -0.49
C LEU B 253 5.70 -4.96 -1.65
N GLY B 254 5.74 -5.88 -2.58
CA GLY B 254 4.91 -5.90 -3.80
C GLY B 254 5.47 -5.03 -4.89
N CYS B 255 6.75 -4.67 -4.73
CA CYS B 255 7.43 -3.93 -5.76
C CYS B 255 7.90 -4.88 -6.81
N THR B 256 7.97 -4.41 -8.03
CA THR B 256 8.51 -5.23 -9.12
C THR B 256 9.32 -4.41 -10.12
N ASP B 257 10.21 -5.15 -10.82
CA ASP B 257 10.80 -4.75 -12.14
C ASP B 257 11.91 -3.70 -12.19
N TRP B 258 11.83 -2.70 -11.34
CA TRP B 258 12.69 -1.48 -11.47
C TRP B 258 12.73 -0.73 -10.22
N GLY B 259 13.92 -0.57 -9.65
CA GLY B 259 14.06 0.21 -8.46
C GLY B 259 15.43 0.04 -7.81
N ARG B 260 15.58 0.52 -6.61
CA ARG B 260 16.84 0.33 -5.88
C ARG B 260 16.51 0.02 -4.48
N ALA B 261 17.35 -0.77 -3.81
CA ALA B 261 17.24 -1.02 -2.41
C ALA B 261 18.46 -0.54 -1.67
N ASP B 262 18.33 0.18 -0.62
CA ASP B 262 19.34 1.00 -0.01
C ASP B 262 19.69 0.43 1.34
N PHE B 263 21.00 0.18 1.69
CA PHE B 263 21.31 -0.44 2.94
C PHE B 263 22.64 0.05 3.52
N MET B 264 22.82 -0.11 4.81
CA MET B 264 23.98 0.15 5.62
C MET B 264 24.58 -1.13 6.05
N LEU B 265 25.92 -1.10 6.25
CA LEU B 265 26.59 -2.24 6.91
C LEU B 265 27.08 -1.78 8.28
N ASP B 266 26.95 -2.66 9.26
CA ASP B 266 27.59 -2.41 10.55
C ASP B 266 29.08 -2.87 10.54
N ALA B 267 29.65 -2.75 11.70
CA ALA B 267 31.12 -3.05 11.86
C ALA B 267 31.43 -4.48 11.67
N ALA B 268 30.47 -5.36 11.76
CA ALA B 268 30.67 -6.74 11.52
C ALA B 268 30.29 -7.16 10.15
N GLY B 269 29.86 -6.19 9.33
CA GLY B 269 29.52 -6.56 7.99
C GLY B 269 28.06 -7.01 7.74
N ASN B 270 27.19 -6.80 8.75
CA ASN B 270 25.77 -7.20 8.57
C ASN B 270 25.01 -6.06 7.87
N PRO B 271 24.15 -6.44 6.93
CA PRO B 271 23.33 -5.38 6.23
C PRO B 271 22.08 -5.01 6.96
N TYR B 272 21.65 -3.75 6.77
CA TYR B 272 20.38 -3.21 7.35
C TYR B 272 19.80 -2.38 6.24
N PHE B 273 18.58 -2.75 5.77
CA PHE B 273 17.89 -2.00 4.68
C PHE B 273 17.19 -0.83 5.25
N LEU B 274 17.33 0.33 4.58
CA LEU B 274 16.73 1.59 4.96
C LEU B 274 15.40 1.85 4.21
N GLU B 275 15.39 1.63 2.92
CA GLU B 275 14.22 1.87 2.09
C GLU B 275 14.36 1.29 0.75
N VAL B 276 13.31 1.22 -0.10
CA VAL B 276 13.41 0.98 -1.47
C VAL B 276 13.04 2.30 -2.17
N ASN B 277 13.47 2.38 -3.39
CA ASN B 277 13.12 3.46 -4.35
C ASN B 277 12.50 2.85 -5.54
N THR B 278 11.19 3.22 -5.74
CA THR B 278 10.41 2.67 -6.80
C THR B 278 10.36 3.48 -8.10
N ALA B 279 11.07 4.60 -8.14
CA ALA B 279 11.16 5.40 -9.38
C ALA B 279 12.53 6.03 -9.41
N PRO B 280 13.58 5.18 -9.52
CA PRO B 280 14.92 5.75 -9.63
C PRO B 280 15.14 6.88 -10.64
N GLY B 281 15.83 7.91 -10.17
CA GLY B 281 16.32 8.99 -11.03
C GLY B 281 17.27 8.51 -12.07
N MET B 282 17.27 9.20 -13.23
CA MET B 282 18.01 8.79 -14.36
C MET B 282 18.69 10.02 -15.02
N THR B 283 19.12 10.97 -14.13
CA THR B 283 19.81 12.14 -14.55
C THR B 283 21.21 11.63 -14.90
N ASP B 284 22.00 12.59 -15.31
CA ASP B 284 23.39 12.30 -15.59
C ASP B 284 24.18 11.79 -14.46
N HIS B 285 23.84 12.25 -13.27
CA HIS B 285 24.57 11.78 -12.07
C HIS B 285 24.00 10.55 -11.32
N SER B 286 23.06 9.86 -11.96
CA SER B 286 22.22 8.94 -11.22
C SER B 286 22.84 7.53 -11.23
N LEU B 287 22.33 6.72 -10.31
CA LEU B 287 23.01 5.50 -9.97
C LEU B 287 22.80 4.32 -10.91
N PRO B 288 21.58 4.07 -11.40
CA PRO B 288 21.42 2.91 -12.24
C PRO B 288 22.31 2.95 -13.48
N PRO B 289 22.41 4.13 -14.15
CA PRO B 289 23.30 4.10 -15.35
C PRO B 289 24.77 3.80 -14.98
N LYS B 290 25.23 4.26 -13.82
CA LYS B 290 26.63 3.97 -13.31
C LYS B 290 26.80 2.47 -13.16
N ALA B 291 25.90 1.87 -12.40
CA ALA B 291 25.93 0.42 -12.24
C ALA B 291 25.90 -0.36 -13.57
N ALA B 292 25.05 0.13 -14.51
CA ALA B 292 24.86 -0.52 -15.77
C ALA B 292 26.16 -0.41 -16.63
N ARG B 293 26.81 0.76 -16.56
CA ARG B 293 28.04 1.01 -17.41
C ARG B 293 29.16 0.22 -16.90
N ALA B 294 29.16 0.00 -15.58
CA ALA B 294 30.15 -0.90 -14.97
C ALA B 294 30.14 -2.33 -15.45
N VAL B 295 29.05 -2.76 -16.00
CA VAL B 295 28.93 -4.04 -16.70
C VAL B 295 28.61 -3.94 -18.22
N GLY B 296 29.03 -2.82 -18.81
CA GLY B 296 28.96 -2.60 -20.27
C GLY B 296 27.56 -2.39 -20.83
N ILE B 297 26.58 -1.98 -19.94
CA ILE B 297 25.21 -1.65 -20.35
C ILE B 297 25.04 -0.15 -20.45
N GLY B 298 24.79 0.33 -21.66
CA GLY B 298 24.71 1.75 -21.86
C GLY B 298 23.32 2.27 -21.51
N TYR B 299 23.22 3.61 -21.44
CA TYR B 299 22.01 4.25 -20.95
C TYR B 299 20.78 3.84 -21.72
N SER B 300 20.89 3.93 -23.01
CA SER B 300 19.76 3.59 -23.88
C SER B 300 19.34 2.14 -23.73
N GLU B 301 20.27 1.22 -23.64
CA GLU B 301 19.88 -0.21 -23.47
C GLU B 301 19.17 -0.44 -22.12
N LEU B 302 19.60 0.28 -21.09
CA LEU B 302 19.04 0.19 -19.78
C LEU B 302 17.58 0.65 -19.82
N VAL B 303 17.37 1.90 -20.29
CA VAL B 303 15.97 2.41 -20.24
C VAL B 303 15.13 1.54 -21.15
N VAL B 304 15.63 1.09 -22.30
CA VAL B 304 14.82 0.20 -23.13
C VAL B 304 14.46 -1.09 -22.40
N LYS B 305 15.38 -1.71 -21.67
CA LYS B 305 15.04 -2.93 -20.90
C LYS B 305 13.93 -2.71 -19.87
N VAL B 306 13.98 -1.57 -19.18
CA VAL B 306 12.94 -1.21 -18.17
C VAL B 306 11.60 -1.16 -18.85
N LEU B 307 11.56 -0.44 -19.97
CA LEU B 307 10.29 -0.24 -20.77
C LEU B 307 9.73 -1.52 -21.29
N SER B 308 10.62 -2.46 -21.58
CA SER B 308 10.27 -3.78 -22.16
C SER B 308 9.45 -4.69 -21.24
N LEU B 309 9.59 -4.55 -19.93
CA LEU B 309 8.78 -5.28 -18.98
C LEU B 309 7.32 -4.87 -18.93
N THR B 310 6.97 -3.73 -19.55
CA THR B 310 5.57 -3.32 -19.82
C THR B 310 4.98 -3.97 -21.06
N LEU B 311 5.77 -4.59 -21.93
CA LEU B 311 5.26 -5.21 -23.14
C LEU B 311 4.43 -6.42 -22.81
N ASP B 312 5.07 -7.70 -21.58
CA ASP B 312 4.41 -9.03 -21.47
C ASP B 312 4.57 -9.99 -22.68
#